data_1H07
#
_entry.id   1H07
#
_cell.length_a   53.323
_cell.length_b   71.543
_cell.length_c   72.550
_cell.angle_alpha   90.00
_cell.angle_beta   90.00
_cell.angle_gamma   90.00
#
_symmetry.space_group_name_H-M   'P 21 21 21'
#
loop_
_entity.id
_entity.type
_entity.pdbx_description
1 polymer 'CELL DIVISION PROTEIN KINASE 2'
2 non-polymer ((2-BROMO-4-METHYLPHENYL){6-[(4-{[(2R)-3-(DIMETHYLAMINO)-2-HYDROXYPROPYL]OXY}PHENYL)AMINO]PYRIMIDIN-4-YL}AMINO)ACETONITRILE
3 non-polymer ((2-BROMO-4-METHYLPHENYL){6-[(4-{[(2S)-3-(DIMETHYLAMINO)-2-HYDROXYPROPYL]OXY}PHENYL)AMINO]PYRIMIDIN-4-YL}AMINO)ACETONITRILE
4 water water
#
_entity_poly.entity_id   1
_entity_poly.type   'polypeptide(L)'
_entity_poly.pdbx_seq_one_letter_code
;(ACE)MENFQKVEKIGEGTYGVVYKARNKLTGEVVALKKIRLDTETEGVPSTAIREISLLKELNHPNIVKLLDVIHTENK
LYLVFEFLHQDLKKFMDASALTGIPLPLIKSYLFQLLQGLAFCHSHRVLHRDLKPQNLLINTEGAIKLADFGLARAFGVP
VRTYTHEVVTLWYRAPEILLGCKYYSTAVDIWSLGCIFAEMVTRRALFPGDSEIDQLFRIFRTLGTPDEVVWPGVTSMPD
YKPSFPKWARQDFSKVVPPLDEDGRSLLSQMLHYDPNKRISAKAALAHPFFQDVTKPVPHLRL
;
_entity_poly.pdbx_strand_id   A
#
loop_
_chem_comp.id
_chem_comp.type
_chem_comp.name
_chem_comp.formula
ACE non-polymer 'ACETYL GROUP' 'C2 H4 O'
MFP non-polymer ((2-BROMO-4-METHYLPHENYL){6-[(4-{[(2R)-3-(DIMETHYLAMINO)-2-HYDROXYPROPYL]OXY}PHENYL)AMINO]PYRIMIDIN-4-YL}AMINO)ACETONITRILE 'C24 H27 Br N6 O2'
MFQ non-polymer ((2-BROMO-4-METHYLPHENYL){6-[(4-{[(2S)-3-(DIMETHYLAMINO)-2-HYDROXYPROPYL]OXY}PHENYL)AMINO]PYRIMIDIN-4-YL}AMINO)ACETONITRILE 'C24 H27 Br N6 O2'
#
# COMPACT_ATOMS: atom_id res chain seq x y z
C ACE A 1 20.66 14.33 16.46
O ACE A 1 20.89 13.22 16.94
CH3 ACE A 1 20.04 15.42 17.30
N MET A 2 20.96 14.67 15.22
CA MET A 2 21.56 13.75 14.25
C MET A 2 22.90 13.19 14.72
N GLU A 3 23.61 13.93 15.57
CA GLU A 3 24.90 13.49 16.06
C GLU A 3 24.80 12.13 16.76
N ASN A 4 23.58 11.76 17.12
CA ASN A 4 23.33 10.49 17.80
C ASN A 4 23.18 9.38 16.76
N PHE A 5 23.36 9.73 15.49
CA PHE A 5 23.22 8.76 14.41
C PHE A 5 24.35 8.81 13.40
N GLN A 6 24.72 7.63 12.91
CA GLN A 6 25.79 7.51 11.93
C GLN A 6 25.22 6.82 10.69
N LYS A 7 25.22 7.52 9.57
CA LYS A 7 24.68 6.98 8.32
C LYS A 7 25.51 5.83 7.77
N VAL A 8 24.89 4.66 7.69
CA VAL A 8 25.54 3.47 7.18
C VAL A 8 25.45 3.38 5.65
N GLU A 9 24.24 3.56 5.12
CA GLU A 9 24.04 3.50 3.68
C GLU A 9 22.71 4.13 3.30
N LYS A 10 22.55 4.44 2.01
CA LYS A 10 21.32 5.04 1.51
C LYS A 10 20.32 3.94 1.16
N ILE A 11 19.21 3.88 1.89
CA ILE A 11 18.17 2.90 1.66
C ILE A 11 17.42 3.20 0.38
N GLY A 12 17.22 4.49 0.11
CA GLY A 12 16.51 4.88 -1.10
C GLY A 12 15.87 6.25 -0.98
N GLU A 13 15.52 6.82 -2.13
CA GLU A 13 14.88 8.12 -2.17
C GLU A 13 13.39 7.96 -1.90
N GLY A 14 12.99 8.16 -0.65
CA GLY A 14 11.60 8.04 -0.30
C GLY A 14 10.76 9.13 -0.93
N THR A 15 9.45 9.09 -0.68
CA THR A 15 8.53 10.09 -1.23
C THR A 15 8.74 11.44 -0.56
N TYR A 16 8.91 11.43 0.75
CA TYR A 16 9.09 12.66 1.51
C TYR A 16 10.53 12.90 1.96
N GLY A 17 11.49 12.38 1.20
CA GLY A 17 12.88 12.58 1.57
C GLY A 17 13.74 11.34 1.48
N VAL A 18 15.05 11.53 1.59
CA VAL A 18 15.99 10.42 1.51
C VAL A 18 15.93 9.59 2.79
N VAL A 19 16.19 8.29 2.66
CA VAL A 19 16.18 7.39 3.80
C VAL A 19 17.51 6.66 3.89
N TYR A 20 18.08 6.65 5.08
CA TYR A 20 19.37 6.01 5.30
C TYR A 20 19.33 4.94 6.37
N LYS A 21 20.15 3.91 6.20
CA LYS A 21 20.26 2.89 7.23
C LYS A 21 21.23 3.61 8.14
N ALA A 22 20.93 3.66 9.43
CA ALA A 22 21.81 4.35 10.35
C ALA A 22 21.90 3.62 11.67
N ARG A 23 22.94 3.94 12.43
CA ARG A 23 23.14 3.32 13.72
C ARG A 23 23.23 4.36 14.81
N ASN A 24 22.57 4.06 15.92
CA ASN A 24 22.54 4.95 17.05
C ASN A 24 23.91 4.92 17.72
N LYS A 25 24.75 5.90 17.39
CA LYS A 25 26.10 6.00 17.96
C LYS A 25 26.12 5.72 19.45
N LEU A 26 24.94 5.62 20.05
CA LEU A 26 24.82 5.36 21.48
C LEU A 26 24.27 3.99 21.82
N THR A 27 23.01 3.75 21.44
CA THR A 27 22.34 2.48 21.70
C THR A 27 22.82 1.33 20.85
N GLY A 28 23.41 1.64 19.69
CA GLY A 28 23.89 0.60 18.81
C GLY A 28 22.75 0.13 17.95
N GLU A 29 21.56 0.65 18.24
CA GLU A 29 20.37 0.28 17.49
C GLU A 29 20.54 0.67 16.02
N VAL A 30 20.17 -0.26 15.14
CA VAL A 30 20.23 -0.04 13.69
C VAL A 30 18.82 0.36 13.29
N VAL A 31 18.71 1.49 12.60
CA VAL A 31 17.41 1.99 12.20
C VAL A 31 17.37 2.54 10.78
N ALA A 32 16.16 2.92 10.38
CA ALA A 32 15.93 3.53 9.08
C ALA A 32 15.70 4.99 9.43
N LEU A 33 16.58 5.86 8.95
CA LEU A 33 16.47 7.29 9.23
C LEU A 33 15.94 8.05 8.02
N LYS A 34 14.81 8.71 8.19
CA LYS A 34 14.21 9.47 7.11
C LYS A 34 14.21 10.96 7.41
N LYS A 35 14.78 11.74 6.51
CA LYS A 35 14.83 13.19 6.67
C LYS A 35 13.66 13.73 5.85
N ILE A 36 12.70 14.36 6.53
CA ILE A 36 11.53 14.91 5.86
C ILE A 36 11.83 16.21 5.13
N ARG A 37 11.45 16.24 3.85
CA ARG A 37 11.67 17.42 3.01
C ARG A 37 10.74 18.55 3.44
N VAL A 45 9.16 23.50 10.40
CA VAL A 45 8.15 22.47 10.21
C VAL A 45 6.80 22.89 10.78
N PRO A 46 5.73 22.78 9.96
CA PRO A 46 4.37 23.14 10.39
C PRO A 46 3.96 22.41 11.66
N SER A 47 3.26 23.11 12.55
CA SER A 47 2.82 22.53 13.83
C SER A 47 1.83 21.40 13.59
N THR A 48 1.03 21.56 12.54
CA THR A 48 0.04 20.57 12.18
C THR A 48 0.72 19.25 11.84
N ALA A 49 1.90 19.33 11.26
CA ALA A 49 2.66 18.14 10.89
C ALA A 49 3.15 17.42 12.14
N ILE A 50 3.77 18.19 13.04
CA ILE A 50 4.31 17.63 14.28
C ILE A 50 3.26 16.89 15.08
N ARG A 51 2.09 17.50 15.25
CA ARG A 51 1.01 16.89 16.01
C ARG A 51 0.56 15.57 15.37
N GLU A 52 0.32 15.59 14.07
CA GLU A 52 -0.12 14.40 13.35
C GLU A 52 0.93 13.30 13.45
N ILE A 53 2.20 13.66 13.27
CA ILE A 53 3.28 12.68 13.35
C ILE A 53 3.35 12.06 14.74
N SER A 54 3.22 12.89 15.77
CA SER A 54 3.26 12.40 17.14
C SER A 54 2.15 11.38 17.39
N LEU A 55 1.05 11.53 16.66
CA LEU A 55 -0.08 10.61 16.79
C LEU A 55 0.29 9.26 16.20
N LEU A 56 1.18 9.27 15.21
CA LEU A 56 1.60 8.03 14.57
C LEU A 56 2.48 7.17 15.47
N LYS A 57 3.24 7.82 16.35
CA LYS A 57 4.11 7.08 17.26
C LYS A 57 3.27 6.20 18.18
N GLU A 58 1.98 6.52 18.25
CA GLU A 58 1.04 5.78 19.08
C GLU A 58 0.39 4.61 18.36
N LEU A 59 0.38 4.68 17.03
CA LEU A 59 -0.24 3.64 16.20
C LEU A 59 0.67 2.42 16.07
N ASN A 60 0.81 1.66 17.15
CA ASN A 60 1.67 0.47 17.16
C ASN A 60 0.94 -0.85 16.93
N HIS A 61 1.47 -1.62 15.98
CA HIS A 61 0.90 -2.93 15.62
C HIS A 61 2.02 -3.79 15.02
N PRO A 62 1.96 -5.12 15.23
CA PRO A 62 2.98 -6.04 14.70
C PRO A 62 3.19 -5.93 13.19
N ASN A 63 2.16 -5.49 12.47
CA ASN A 63 2.25 -5.38 11.03
C ASN A 63 2.36 -3.95 10.52
N ILE A 64 2.88 -3.09 11.38
CA ILE A 64 3.10 -1.69 11.05
C ILE A 64 4.53 -1.37 11.47
N VAL A 65 5.34 -0.90 10.52
CA VAL A 65 6.73 -0.58 10.85
C VAL A 65 6.71 0.40 12.02
N LYS A 66 7.40 0.05 13.09
CA LYS A 66 7.41 0.91 14.27
C LYS A 66 8.16 2.22 14.09
N LEU A 67 7.50 3.32 14.45
CA LEU A 67 8.11 4.63 14.41
C LEU A 67 8.75 4.74 15.79
N LEU A 68 10.07 4.60 15.85
CA LEU A 68 10.81 4.64 17.10
C LEU A 68 10.88 6.01 17.77
N ASP A 69 11.09 7.04 16.98
CA ASP A 69 11.18 8.39 17.51
C ASP A 69 11.03 9.45 16.43
N VAL A 70 10.57 10.62 16.86
CA VAL A 70 10.39 11.76 15.97
C VAL A 70 11.36 12.80 16.50
N ILE A 71 12.30 13.22 15.67
CA ILE A 71 13.28 14.22 16.10
C ILE A 71 13.06 15.54 15.40
N HIS A 72 12.74 16.55 16.19
CA HIS A 72 12.50 17.89 15.68
C HIS A 72 13.57 18.84 16.23
N THR A 73 14.69 18.93 15.52
CA THR A 73 15.80 19.80 15.92
C THR A 73 16.29 20.62 14.73
N GLU A 74 16.93 21.75 15.03
CA GLU A 74 17.43 22.65 13.99
C GLU A 74 16.35 22.96 12.97
N ASN A 75 15.10 22.98 13.44
CA ASN A 75 13.94 23.24 12.60
C ASN A 75 13.84 22.29 11.42
N LYS A 76 14.32 21.06 11.61
CA LYS A 76 14.26 20.03 10.59
C LYS A 76 13.53 18.83 11.21
N LEU A 77 12.97 17.96 10.38
CA LEU A 77 12.24 16.81 10.89
C LEU A 77 12.83 15.47 10.46
N TYR A 78 13.13 14.62 11.44
CA TYR A 78 13.71 13.30 11.18
C TYR A 78 12.82 12.23 11.80
N LEU A 79 12.55 11.17 11.04
CA LEU A 79 11.73 10.08 11.55
C LEU A 79 12.64 8.86 11.66
N VAL A 80 12.64 8.23 12.84
CA VAL A 80 13.47 7.06 13.08
C VAL A 80 12.55 5.84 13.13
N PHE A 81 12.70 4.94 12.16
CA PHE A 81 11.87 3.75 12.08
C PHE A 81 12.67 2.48 12.37
N GLU A 82 11.95 1.42 12.71
CA GLU A 82 12.55 0.12 12.95
C GLU A 82 13.10 -0.26 11.59
N PHE A 83 14.18 -1.03 11.54
CA PHE A 83 14.77 -1.38 10.25
C PHE A 83 14.42 -2.80 9.81
N LEU A 84 13.98 -2.95 8.56
CA LEU A 84 13.69 -4.27 8.00
C LEU A 84 14.62 -4.37 6.80
N HIS A 85 15.11 -5.56 6.50
CA HIS A 85 16.07 -5.68 5.41
C HIS A 85 15.59 -5.66 3.97
N GLN A 86 14.29 -5.69 3.72
CA GLN A 86 13.82 -5.66 2.34
C GLN A 86 12.34 -5.32 2.15
N ASP A 87 12.01 -4.80 0.98
CA ASP A 87 10.63 -4.47 0.68
C ASP A 87 10.07 -5.56 -0.22
N LEU A 88 8.74 -5.59 -0.33
CA LEU A 88 8.06 -6.61 -1.14
C LEU A 88 8.39 -6.52 -2.62
N LYS A 89 8.71 -5.32 -3.11
CA LYS A 89 9.04 -5.16 -4.51
C LYS A 89 10.27 -5.97 -4.90
N LYS A 90 11.32 -5.85 -4.10
CA LYS A 90 12.55 -6.60 -4.36
C LYS A 90 12.29 -8.10 -4.31
N PHE A 91 11.43 -8.51 -3.38
CA PHE A 91 11.09 -9.92 -3.21
C PHE A 91 10.28 -10.45 -4.39
N MET A 92 9.37 -9.63 -4.90
CA MET A 92 8.56 -10.03 -6.05
C MET A 92 9.45 -10.16 -7.29
N ASP A 93 10.42 -9.26 -7.42
CA ASP A 93 11.33 -9.31 -8.56
C ASP A 93 12.17 -10.57 -8.48
N ALA A 94 12.70 -10.86 -7.29
CA ALA A 94 13.53 -12.03 -7.07
C ALA A 94 12.73 -13.34 -7.17
N SER A 95 11.41 -13.24 -7.20
CA SER A 95 10.56 -14.42 -7.30
C SER A 95 9.82 -14.42 -8.63
N ALA A 96 10.24 -13.54 -9.54
CA ALA A 96 9.62 -13.39 -10.85
C ALA A 96 9.51 -14.64 -11.73
N LEU A 97 10.58 -15.41 -11.82
CA LEU A 97 10.57 -16.60 -12.67
C LEU A 97 9.95 -17.83 -12.03
N THR A 98 9.83 -17.82 -10.70
CA THR A 98 9.25 -18.95 -9.99
C THR A 98 7.89 -18.63 -9.40
N GLY A 99 7.73 -17.40 -8.92
CA GLY A 99 6.49 -16.98 -8.33
C GLY A 99 6.46 -17.22 -6.83
N ILE A 100 5.93 -16.25 -6.09
CA ILE A 100 5.82 -16.40 -4.64
C ILE A 100 4.81 -17.50 -4.37
N PRO A 101 5.17 -18.51 -3.55
CA PRO A 101 4.26 -19.60 -3.24
C PRO A 101 2.94 -19.10 -2.65
N LEU A 102 1.84 -19.68 -3.08
CA LEU A 102 0.52 -19.27 -2.60
C LEU A 102 0.39 -19.14 -1.09
N PRO A 103 0.91 -20.12 -0.32
CA PRO A 103 0.80 -20.03 1.14
C PRO A 103 1.42 -18.75 1.69
N LEU A 104 2.51 -18.31 1.07
CA LEU A 104 3.19 -17.10 1.51
C LEU A 104 2.40 -15.86 1.06
N ILE A 105 1.84 -15.93 -0.14
CA ILE A 105 1.04 -14.81 -0.64
C ILE A 105 -0.14 -14.66 0.30
N LYS A 106 -0.75 -15.78 0.66
CA LYS A 106 -1.90 -15.77 1.55
C LYS A 106 -1.52 -15.21 2.93
N SER A 107 -0.34 -15.61 3.42
CA SER A 107 0.13 -15.14 4.72
C SER A 107 0.35 -13.63 4.70
N TYR A 108 0.99 -13.13 3.65
CA TYR A 108 1.25 -11.70 3.55
C TYR A 108 -0.03 -10.88 3.46
N LEU A 109 -0.96 -11.32 2.61
CA LEU A 109 -2.22 -10.60 2.47
C LEU A 109 -2.94 -10.57 3.81
N PHE A 110 -2.93 -11.71 4.50
CA PHE A 110 -3.58 -11.84 5.80
C PHE A 110 -3.01 -10.87 6.82
N GLN A 111 -1.68 -10.80 6.89
CA GLN A 111 -1.01 -9.90 7.83
C GLN A 111 -1.27 -8.44 7.50
N LEU A 112 -1.24 -8.11 6.22
CA LEU A 112 -1.47 -6.73 5.80
C LEU A 112 -2.90 -6.31 6.11
N LEU A 113 -3.84 -7.24 5.98
CA LEU A 113 -5.22 -6.94 6.29
C LEU A 113 -5.36 -6.71 7.79
N GLN A 114 -4.57 -7.42 8.58
CA GLN A 114 -4.60 -7.23 10.03
C GLN A 114 -4.09 -5.82 10.32
N GLY A 115 -3.01 -5.42 9.65
CA GLY A 115 -2.48 -4.10 9.85
C GLY A 115 -3.49 -3.04 9.45
N LEU A 116 -4.11 -3.23 8.30
CA LEU A 116 -5.10 -2.26 7.85
C LEU A 116 -6.30 -2.21 8.80
N ALA A 117 -6.79 -3.38 9.24
CA ALA A 117 -7.92 -3.39 10.15
C ALA A 117 -7.58 -2.55 11.38
N PHE A 118 -6.34 -2.67 11.86
CA PHE A 118 -5.92 -1.90 13.02
C PHE A 118 -5.96 -0.41 12.75
N CYS A 119 -5.22 0.03 11.73
CA CYS A 119 -5.17 1.46 11.39
C CYS A 119 -6.56 2.03 11.13
N HIS A 120 -7.33 1.34 10.31
CA HIS A 120 -8.67 1.77 9.96
C HIS A 120 -9.60 1.90 11.16
N SER A 121 -9.41 1.04 12.16
CA SER A 121 -10.23 1.08 13.36
C SER A 121 -9.93 2.35 14.14
N HIS A 122 -8.72 2.90 13.92
CA HIS A 122 -8.30 4.13 14.56
C HIS A 122 -8.50 5.33 13.65
N ARG A 123 -9.19 5.11 12.54
CA ARG A 123 -9.50 6.17 11.57
C ARG A 123 -8.28 6.71 10.84
N VAL A 124 -7.27 5.86 10.66
CA VAL A 124 -6.05 6.26 9.97
C VAL A 124 -5.92 5.52 8.65
N LEU A 125 -5.70 6.24 7.56
CA LEU A 125 -5.55 5.59 6.26
C LEU A 125 -4.10 5.67 5.82
N HIS A 126 -3.70 4.75 4.97
CA HIS A 126 -2.34 4.79 4.46
C HIS A 126 -2.35 5.75 3.26
N ARG A 127 -3.26 5.50 2.32
CA ARG A 127 -3.43 6.33 1.13
C ARG A 127 -2.47 6.05 -0.02
N ASP A 128 -1.30 5.48 0.27
CA ASP A 128 -0.36 5.21 -0.82
C ASP A 128 0.33 3.86 -0.72
N LEU A 129 -0.46 2.81 -0.55
CA LEU A 129 0.09 1.45 -0.45
C LEU A 129 0.66 0.98 -1.77
N LYS A 130 1.86 0.42 -1.71
CA LYS A 130 2.53 -0.10 -2.88
C LYS A 130 3.60 -1.09 -2.43
N PRO A 131 4.03 -1.98 -3.32
CA PRO A 131 5.06 -2.97 -2.97
C PRO A 131 6.30 -2.36 -2.31
N GLN A 132 6.66 -1.15 -2.73
CA GLN A 132 7.85 -0.49 -2.19
C GLN A 132 7.75 -0.08 -0.72
N ASN A 133 6.54 0.10 -0.20
CA ASN A 133 6.44 0.43 1.21
C ASN A 133 5.86 -0.70 2.08
N LEU A 134 6.02 -1.93 1.61
CA LEU A 134 5.60 -3.11 2.35
C LEU A 134 6.92 -3.82 2.65
N LEU A 135 7.27 -3.91 3.94
CA LEU A 135 8.54 -4.49 4.34
C LEU A 135 8.42 -5.88 4.95
N ILE A 136 9.39 -6.73 4.62
CA ILE A 136 9.38 -8.10 5.11
C ILE A 136 10.67 -8.47 5.85
N ASN A 137 10.57 -9.45 6.74
CA ASN A 137 11.75 -9.91 7.46
C ASN A 137 11.94 -11.40 7.19
N THR A 138 13.04 -11.96 7.68
CA THR A 138 13.34 -13.36 7.48
C THR A 138 12.42 -14.31 8.24
N GLU A 139 11.62 -13.76 9.16
CA GLU A 139 10.72 -14.56 9.99
C GLU A 139 9.38 -14.88 9.31
N GLY A 140 9.07 -14.16 8.24
CA GLY A 140 7.81 -14.40 7.55
C GLY A 140 6.81 -13.28 7.76
N ALA A 141 7.22 -12.25 8.50
CA ALA A 141 6.34 -11.12 8.75
C ALA A 141 6.42 -10.09 7.63
N ILE A 142 5.36 -9.33 7.46
CA ILE A 142 5.34 -8.28 6.46
C ILE A 142 4.70 -7.09 7.18
N LYS A 143 5.20 -5.89 6.94
CA LYS A 143 4.68 -4.71 7.62
C LYS A 143 4.42 -3.53 6.70
N LEU A 144 3.43 -2.72 7.09
CA LEU A 144 3.05 -1.52 6.36
C LEU A 144 4.01 -0.42 6.78
N ALA A 145 4.61 0.28 5.81
CA ALA A 145 5.54 1.35 6.12
C ALA A 145 5.07 2.69 5.55
N ASP A 146 5.51 3.78 6.19
CA ASP A 146 5.13 5.13 5.79
C ASP A 146 3.63 5.34 6.00
N PHE A 147 3.07 4.63 6.98
CA PHE A 147 1.65 4.73 7.26
C PHE A 147 1.29 6.05 7.91
N GLY A 148 0.26 6.71 7.40
CA GLY A 148 -0.18 7.97 7.95
C GLY A 148 0.60 9.20 7.53
N LEU A 149 1.74 9.00 6.88
CA LEU A 149 2.55 10.13 6.44
C LEU A 149 1.90 10.95 5.32
N ALA A 150 0.91 10.38 4.66
CA ALA A 150 0.22 11.07 3.57
C ALA A 150 -0.58 12.26 4.08
N ARG A 151 -1.38 12.04 5.12
CA ARG A 151 -2.21 13.09 5.68
C ARG A 151 -1.34 14.13 6.39
N PRO A 156 2.75 14.09 -3.26
CA PRO A 156 3.18 14.89 -4.40
C PRO A 156 3.23 14.07 -5.70
N VAL A 157 3.30 14.77 -6.82
CA VAL A 157 3.36 14.11 -8.12
C VAL A 157 4.74 13.50 -8.31
N ARG A 158 5.75 14.18 -7.80
CA ARG A 158 7.13 13.70 -7.89
C ARG A 158 7.75 13.68 -6.50
N THR A 159 8.83 12.93 -6.34
CA THR A 159 9.52 12.85 -5.06
C THR A 159 10.53 13.99 -5.04
N TYR A 160 11.26 14.14 -3.93
CA TYR A 160 12.25 15.21 -3.83
C TYR A 160 13.30 15.02 -4.93
N THR A 161 13.37 13.81 -5.48
CA THR A 161 14.31 13.49 -6.54
C THR A 161 13.63 13.52 -7.90
N HIS A 162 12.45 14.12 -7.95
CA HIS A 162 11.68 14.24 -9.19
C HIS A 162 11.11 12.92 -9.70
N GLU A 163 11.42 11.82 -9.02
CA GLU A 163 10.90 10.51 -9.43
C GLU A 163 9.37 10.56 -9.42
N VAL A 164 8.77 10.00 -10.47
CA VAL A 164 7.32 9.97 -10.61
C VAL A 164 6.66 9.04 -9.59
N VAL A 165 5.59 9.52 -8.97
CA VAL A 165 4.86 8.70 -8.00
C VAL A 165 3.95 7.74 -8.77
N THR A 166 4.04 6.47 -8.43
CA THR A 166 3.24 5.45 -9.10
C THR A 166 1.74 5.60 -8.88
N LEU A 167 0.97 5.37 -9.94
CA LEU A 167 -0.49 5.47 -9.89
C LEU A 167 -1.13 4.09 -9.95
N TRP A 168 -0.30 3.09 -10.23
CA TRP A 168 -0.75 1.70 -10.36
C TRP A 168 -1.68 1.16 -9.30
N TYR A 169 -1.56 1.68 -8.07
CA TYR A 169 -2.36 1.19 -6.95
C TYR A 169 -3.42 2.15 -6.45
N ARG A 170 -3.65 3.24 -7.18
CA ARG A 170 -4.63 4.23 -6.77
C ARG A 170 -6.07 3.83 -7.06
N ALA A 171 -6.93 3.99 -6.05
CA ALA A 171 -8.34 3.66 -6.16
C ALA A 171 -9.01 4.58 -7.19
N PRO A 172 -10.06 4.09 -7.87
CA PRO A 172 -10.76 4.88 -8.87
C PRO A 172 -11.41 6.18 -8.35
N GLU A 173 -11.88 6.16 -7.11
CA GLU A 173 -12.50 7.37 -6.54
C GLU A 173 -11.48 8.51 -6.42
N ILE A 174 -10.22 8.16 -6.18
CA ILE A 174 -9.18 9.17 -6.07
C ILE A 174 -8.92 9.74 -7.46
N LEU A 175 -8.81 8.85 -8.45
CA LEU A 175 -8.56 9.24 -9.82
C LEU A 175 -9.71 10.07 -10.40
N LEU A 176 -10.92 9.81 -9.91
CA LEU A 176 -12.10 10.54 -10.38
C LEU A 176 -12.29 11.85 -9.64
N GLY A 177 -11.28 12.25 -8.86
CA GLY A 177 -11.33 13.51 -8.15
C GLY A 177 -12.06 13.58 -6.82
N CYS A 178 -12.25 12.44 -6.17
CA CYS A 178 -12.92 12.44 -4.87
C CYS A 178 -11.98 13.11 -3.86
N LYS A 179 -12.51 14.03 -3.08
CA LYS A 179 -11.69 14.73 -2.09
C LYS A 179 -11.74 14.11 -0.70
N TYR A 180 -12.80 13.36 -0.41
CA TYR A 180 -12.95 12.75 0.91
C TYR A 180 -12.98 11.23 0.88
N TYR A 181 -11.98 10.63 0.25
CA TYR A 181 -11.92 9.18 0.16
C TYR A 181 -11.79 8.52 1.55
N SER A 182 -12.23 7.27 1.61
CA SER A 182 -12.26 6.48 2.84
C SER A 182 -11.20 5.39 2.95
N THR A 183 -11.34 4.58 3.99
CA THR A 183 -10.41 3.47 4.22
C THR A 183 -10.45 2.51 3.04
N ALA A 184 -11.51 2.60 2.24
CA ALA A 184 -11.67 1.74 1.07
C ALA A 184 -10.51 1.89 0.09
N VAL A 185 -9.86 3.04 0.07
CA VAL A 185 -8.75 3.24 -0.86
C VAL A 185 -7.60 2.28 -0.58
N ASP A 186 -7.37 1.95 0.69
CA ASP A 186 -6.29 1.04 1.05
C ASP A 186 -6.61 -0.40 0.63
N ILE A 187 -7.88 -0.77 0.72
CA ILE A 187 -8.31 -2.12 0.35
C ILE A 187 -8.10 -2.30 -1.17
N TRP A 188 -8.41 -1.24 -1.93
CA TRP A 188 -8.22 -1.31 -3.37
C TRP A 188 -6.74 -1.53 -3.68
N SER A 189 -5.88 -0.70 -3.11
CA SER A 189 -4.44 -0.82 -3.34
C SER A 189 -3.93 -2.22 -3.01
N LEU A 190 -4.35 -2.76 -1.86
CA LEU A 190 -3.91 -4.09 -1.46
C LEU A 190 -4.44 -5.13 -2.44
N GLY A 191 -5.63 -4.91 -2.98
CA GLY A 191 -6.18 -5.84 -3.95
C GLY A 191 -5.28 -5.89 -5.17
N CYS A 192 -4.83 -4.72 -5.61
CA CYS A 192 -3.95 -4.63 -6.76
C CYS A 192 -2.63 -5.35 -6.49
N ILE A 193 -2.15 -5.24 -5.25
CA ILE A 193 -0.90 -5.88 -4.85
C ILE A 193 -1.08 -7.39 -4.79
N PHE A 194 -2.26 -7.81 -4.30
CA PHE A 194 -2.61 -9.22 -4.19
C PHE A 194 -2.54 -9.83 -5.60
N ALA A 195 -3.22 -9.20 -6.55
CA ALA A 195 -3.23 -9.68 -7.93
C ALA A 195 -1.82 -9.79 -8.52
N GLU A 196 -1.00 -8.77 -8.27
CA GLU A 196 0.38 -8.73 -8.78
C GLU A 196 1.22 -9.88 -8.22
N MET A 197 1.05 -10.19 -6.94
CA MET A 197 1.80 -11.29 -6.35
C MET A 197 1.44 -12.60 -7.02
N VAL A 198 0.15 -12.77 -7.34
CA VAL A 198 -0.34 -13.99 -7.96
C VAL A 198 0.09 -14.14 -9.41
N THR A 199 -0.07 -13.09 -10.21
CA THR A 199 0.27 -13.16 -11.63
C THR A 199 1.70 -12.78 -12.01
N ARG A 200 2.42 -12.12 -11.11
CA ARG A 200 3.80 -11.70 -11.35
C ARG A 200 3.87 -10.55 -12.36
N ARG A 201 2.80 -9.77 -12.43
CA ARG A 201 2.73 -8.64 -13.34
C ARG A 201 1.77 -7.63 -12.74
N ALA A 202 2.08 -6.34 -12.86
CA ALA A 202 1.21 -5.31 -12.30
C ALA A 202 -0.17 -5.46 -12.91
N LEU A 203 -1.20 -5.22 -12.10
CA LEU A 203 -2.57 -5.34 -12.59
C LEU A 203 -2.95 -4.13 -13.46
N PHE A 204 -2.67 -2.94 -12.97
CA PHE A 204 -3.00 -1.70 -13.69
C PHE A 204 -1.81 -0.74 -13.74
N PRO A 205 -0.83 -1.01 -14.63
CA PRO A 205 0.36 -0.16 -14.75
C PRO A 205 0.18 1.13 -15.55
N GLY A 206 -0.70 2.02 -15.08
CA GLY A 206 -0.92 3.28 -15.77
C GLY A 206 0.26 4.22 -15.70
N ASP A 207 0.47 5.03 -16.73
CA ASP A 207 1.58 5.97 -16.73
C ASP A 207 1.11 7.41 -16.78
N SER A 208 -0.18 7.60 -16.53
CA SER A 208 -0.80 8.92 -16.48
C SER A 208 -2.12 8.67 -15.76
N GLU A 209 -2.75 9.72 -15.23
CA GLU A 209 -4.01 9.51 -14.53
C GLU A 209 -5.11 8.93 -15.40
N ILE A 210 -5.19 9.39 -16.65
CA ILE A 210 -6.23 8.88 -17.53
C ILE A 210 -5.92 7.47 -18.00
N ASP A 211 -4.63 7.17 -18.21
CA ASP A 211 -4.23 5.83 -18.64
C ASP A 211 -4.52 4.84 -17.51
N GLN A 212 -4.33 5.30 -16.28
CA GLN A 212 -4.59 4.47 -15.10
C GLN A 212 -6.09 4.18 -15.02
N LEU A 213 -6.89 5.22 -15.20
CA LEU A 213 -8.34 5.08 -15.11
C LEU A 213 -8.84 4.16 -16.22
N PHE A 214 -8.36 4.38 -17.44
CA PHE A 214 -8.79 3.56 -18.56
C PHE A 214 -8.31 2.11 -18.49
N ARG A 215 -7.19 1.87 -17.81
CA ARG A 215 -6.73 0.51 -17.67
C ARG A 215 -7.68 -0.23 -16.75
N ILE A 216 -8.12 0.46 -15.69
CA ILE A 216 -9.07 -0.12 -14.75
C ILE A 216 -10.40 -0.41 -15.47
N PHE A 217 -10.88 0.56 -16.24
CA PHE A 217 -12.14 0.41 -16.98
C PHE A 217 -12.08 -0.75 -17.97
N ARG A 218 -10.96 -0.89 -18.66
CA ARG A 218 -10.81 -1.96 -19.64
C ARG A 218 -10.89 -3.35 -19.03
N THR A 219 -10.56 -3.46 -17.76
CA THR A 219 -10.61 -4.75 -17.06
C THR A 219 -11.89 -4.95 -16.27
N LEU A 220 -12.27 -3.95 -15.47
CA LEU A 220 -13.45 -4.06 -14.62
C LEU A 220 -14.74 -3.50 -15.23
N GLY A 221 -14.63 -2.94 -16.44
CA GLY A 221 -15.78 -2.37 -17.10
C GLY A 221 -15.89 -0.91 -16.73
N THR A 222 -16.34 -0.08 -17.67
CA THR A 222 -16.49 1.34 -17.38
C THR A 222 -17.63 1.44 -16.37
N PRO A 223 -17.38 2.05 -15.20
CA PRO A 223 -18.41 2.18 -14.17
C PRO A 223 -19.58 3.08 -14.55
N ASP A 224 -20.77 2.71 -14.08
CA ASP A 224 -21.98 3.47 -14.34
C ASP A 224 -22.79 3.57 -13.06
N GLU A 225 -23.93 4.23 -13.13
CA GLU A 225 -24.78 4.40 -11.96
C GLU A 225 -25.31 3.08 -11.40
N VAL A 226 -25.34 2.04 -12.22
CA VAL A 226 -25.83 0.75 -11.76
C VAL A 226 -24.88 0.12 -10.74
N VAL A 227 -23.61 -0.01 -11.11
CA VAL A 227 -22.63 -0.61 -10.21
C VAL A 227 -22.05 0.38 -9.20
N TRP A 228 -22.09 1.67 -9.52
CA TRP A 228 -21.53 2.68 -8.61
C TRP A 228 -22.39 3.94 -8.56
N PRO A 229 -23.44 3.93 -7.73
CA PRO A 229 -24.34 5.08 -7.58
C PRO A 229 -23.56 6.35 -7.25
N GLY A 230 -23.79 7.39 -8.05
CA GLY A 230 -23.12 8.66 -7.82
C GLY A 230 -21.85 8.87 -8.62
N VAL A 231 -21.37 7.83 -9.30
CA VAL A 231 -20.14 7.96 -10.07
C VAL A 231 -20.18 9.01 -11.18
N THR A 232 -21.32 9.16 -11.86
CA THR A 232 -21.40 10.13 -12.94
C THR A 232 -21.41 11.57 -12.46
N SER A 233 -21.48 11.78 -11.16
CA SER A 233 -21.48 13.13 -10.61
C SER A 233 -20.12 13.49 -10.03
N MET A 234 -19.20 12.53 -10.04
CA MET A 234 -17.87 12.75 -9.50
C MET A 234 -17.11 13.83 -10.26
N PRO A 235 -16.30 14.62 -9.55
CA PRO A 235 -15.50 15.71 -10.09
C PRO A 235 -14.89 15.54 -11.48
N ASP A 236 -14.14 14.46 -11.67
CA ASP A 236 -13.49 14.24 -12.96
C ASP A 236 -14.14 13.21 -13.87
N TYR A 237 -15.36 12.82 -13.55
CA TYR A 237 -16.06 11.85 -14.40
C TYR A 237 -16.48 12.58 -15.67
N LYS A 238 -16.35 11.91 -16.81
CA LYS A 238 -16.73 12.48 -18.09
C LYS A 238 -17.66 11.54 -18.83
N PRO A 239 -18.85 12.02 -19.24
CA PRO A 239 -19.82 11.20 -19.96
C PRO A 239 -19.18 10.65 -21.23
N SER A 240 -18.14 11.32 -21.68
CA SER A 240 -17.42 10.90 -22.89
C SER A 240 -16.46 9.75 -22.67
N PHE A 241 -16.34 9.27 -21.43
CA PHE A 241 -15.45 8.13 -21.15
C PHE A 241 -15.89 6.97 -22.03
N PRO A 242 -14.94 6.26 -22.67
CA PRO A 242 -15.36 5.13 -23.51
C PRO A 242 -16.03 4.09 -22.62
N LYS A 243 -16.95 3.33 -23.18
CA LYS A 243 -17.65 2.30 -22.42
C LYS A 243 -17.11 0.92 -22.75
N TRP A 244 -16.28 0.39 -21.86
CA TRP A 244 -15.67 -0.92 -22.02
C TRP A 244 -16.43 -1.97 -21.20
N ALA A 245 -16.49 -3.20 -21.71
CA ALA A 245 -17.18 -4.28 -21.02
C ALA A 245 -16.26 -4.88 -19.96
N ARG A 246 -16.85 -5.44 -18.91
CA ARG A 246 -16.11 -6.05 -17.81
C ARG A 246 -15.64 -7.45 -18.20
N GLN A 247 -14.47 -7.85 -17.72
CA GLN A 247 -13.90 -9.16 -18.01
C GLN A 247 -14.02 -10.08 -16.79
N ASP A 248 -13.85 -11.39 -16.99
CA ASP A 248 -13.93 -12.35 -15.91
C ASP A 248 -12.63 -12.38 -15.12
N PHE A 249 -12.73 -12.51 -13.80
CA PHE A 249 -11.53 -12.57 -12.97
C PHE A 249 -10.80 -13.88 -13.25
N SER A 250 -11.49 -14.80 -13.91
CA SER A 250 -10.88 -16.07 -14.27
C SER A 250 -9.79 -15.76 -15.28
N LYS A 251 -10.01 -14.69 -16.05
CA LYS A 251 -9.05 -14.25 -17.06
C LYS A 251 -8.03 -13.27 -16.48
N VAL A 252 -8.41 -12.60 -15.40
CA VAL A 252 -7.54 -11.61 -14.77
C VAL A 252 -6.44 -12.15 -13.87
N VAL A 253 -6.75 -13.13 -13.04
CA VAL A 253 -5.73 -13.67 -12.14
C VAL A 253 -5.54 -15.19 -12.10
N PRO A 254 -5.54 -15.86 -13.26
CA PRO A 254 -5.35 -17.30 -13.15
C PRO A 254 -3.91 -17.52 -12.64
N PRO A 255 -3.66 -18.65 -11.97
CA PRO A 255 -4.63 -19.70 -11.65
C PRO A 255 -5.15 -19.60 -10.22
N LEU A 256 -5.42 -18.38 -9.76
CA LEU A 256 -5.92 -18.18 -8.41
C LEU A 256 -7.26 -18.92 -8.26
N ASP A 257 -7.44 -19.63 -7.15
CA ASP A 257 -8.68 -20.37 -6.91
C ASP A 257 -9.88 -19.48 -6.66
N GLU A 258 -11.08 -20.07 -6.69
CA GLU A 258 -12.33 -19.32 -6.51
C GLU A 258 -12.43 -18.53 -5.20
N ASP A 259 -11.86 -19.03 -4.11
CA ASP A 259 -11.91 -18.28 -2.86
C ASP A 259 -11.08 -17.02 -3.06
N GLY A 260 -9.93 -17.18 -3.69
CA GLY A 260 -9.06 -16.05 -3.93
C GLY A 260 -9.68 -15.03 -4.87
N ARG A 261 -10.31 -15.51 -5.94
CA ARG A 261 -10.93 -14.59 -6.88
C ARG A 261 -12.13 -13.90 -6.25
N SER A 262 -12.84 -14.63 -5.39
CA SER A 262 -13.99 -14.07 -4.69
C SER A 262 -13.55 -12.88 -3.85
N LEU A 263 -12.47 -13.08 -3.08
CA LEU A 263 -11.95 -12.03 -2.24
C LEU A 263 -11.43 -10.85 -3.06
N LEU A 264 -10.62 -11.13 -4.08
CA LEU A 264 -10.08 -10.06 -4.90
C LEU A 264 -11.17 -9.21 -5.53
N SER A 265 -12.24 -9.85 -5.97
CA SER A 265 -13.34 -9.12 -6.60
C SER A 265 -14.00 -8.17 -5.63
N GLN A 266 -14.14 -8.61 -4.38
CA GLN A 266 -14.74 -7.76 -3.35
C GLN A 266 -13.80 -6.63 -2.93
N MET A 267 -12.49 -6.84 -3.10
CA MET A 267 -11.52 -5.81 -2.76
C MET A 267 -11.46 -4.80 -3.91
N LEU A 268 -11.93 -5.19 -5.08
CA LEU A 268 -11.90 -4.29 -6.23
C LEU A 268 -13.25 -3.79 -6.69
N HIS A 269 -14.22 -3.77 -5.79
CA HIS A 269 -15.55 -3.26 -6.12
C HIS A 269 -15.39 -1.76 -6.40
N TYR A 270 -16.06 -1.26 -7.42
CA TYR A 270 -15.99 0.16 -7.78
C TYR A 270 -16.48 1.08 -6.66
N ASP A 271 -17.70 0.83 -6.19
CA ASP A 271 -18.28 1.65 -5.14
C ASP A 271 -17.50 1.44 -3.85
N PRO A 272 -16.88 2.50 -3.31
CA PRO A 272 -16.10 2.39 -2.07
C PRO A 272 -16.92 1.80 -0.92
N ASN A 273 -18.23 2.07 -0.92
CA ASN A 273 -19.10 1.57 0.12
C ASN A 273 -19.39 0.08 0.00
N LYS A 274 -19.24 -0.46 -1.21
CA LYS A 274 -19.48 -1.89 -1.43
C LYS A 274 -18.18 -2.68 -1.25
N ARG A 275 -17.05 -2.01 -1.42
CA ARG A 275 -15.75 -2.64 -1.28
C ARG A 275 -15.62 -3.27 0.11
N ILE A 276 -15.12 -4.51 0.18
CA ILE A 276 -15.00 -5.20 1.46
C ILE A 276 -14.09 -4.47 2.43
N SER A 277 -14.40 -4.54 3.73
CA SER A 277 -13.55 -3.89 4.73
C SER A 277 -12.41 -4.84 5.08
N ALA A 278 -11.37 -4.31 5.73
CA ALA A 278 -10.23 -5.15 6.12
C ALA A 278 -10.72 -6.23 7.07
N LYS A 279 -11.50 -5.84 8.07
CA LYS A 279 -12.00 -6.80 9.04
C LYS A 279 -12.89 -7.89 8.44
N ALA A 280 -13.71 -7.54 7.46
CA ALA A 280 -14.57 -8.53 6.83
C ALA A 280 -13.72 -9.46 5.95
N ALA A 281 -12.69 -8.89 5.34
CA ALA A 281 -11.82 -9.68 4.49
C ALA A 281 -11.08 -10.74 5.29
N LEU A 282 -10.74 -10.41 6.54
CA LEU A 282 -10.02 -11.35 7.40
C LEU A 282 -10.84 -12.61 7.68
N ALA A 283 -12.16 -12.47 7.61
CA ALA A 283 -13.07 -13.59 7.86
C ALA A 283 -13.44 -14.35 6.59
N HIS A 284 -12.87 -13.94 5.47
CA HIS A 284 -13.17 -14.59 4.20
C HIS A 284 -12.63 -16.01 4.17
N PRO A 285 -13.39 -16.94 3.55
CA PRO A 285 -13.00 -18.35 3.44
C PRO A 285 -11.58 -18.58 2.88
N PHE A 286 -11.07 -17.62 2.13
CA PHE A 286 -9.73 -17.73 1.56
C PHE A 286 -8.67 -17.95 2.63
N PHE A 287 -8.91 -17.40 3.82
CA PHE A 287 -7.95 -17.52 4.90
C PHE A 287 -8.20 -18.70 5.84
N GLN A 288 -9.10 -19.60 5.44
CA GLN A 288 -9.42 -20.77 6.26
C GLN A 288 -8.17 -21.58 6.59
N ASP A 289 -7.29 -21.75 5.61
CA ASP A 289 -6.07 -22.52 5.81
C ASP A 289 -4.80 -21.66 5.81
N VAL A 290 -4.91 -20.43 6.28
CA VAL A 290 -3.75 -19.55 6.30
C VAL A 290 -2.70 -20.04 7.31
N THR A 291 -1.43 -19.83 6.97
CA THR A 291 -0.31 -20.23 7.80
C THR A 291 0.76 -19.13 7.72
N LYS A 292 1.87 -19.32 8.41
CA LYS A 292 2.94 -18.33 8.37
C LYS A 292 4.26 -18.95 7.89
N PRO A 293 4.41 -19.12 6.57
CA PRO A 293 5.62 -19.70 5.99
C PRO A 293 6.82 -18.75 6.12
N VAL A 294 8.01 -19.32 5.99
CA VAL A 294 9.24 -18.54 6.05
C VAL A 294 9.64 -18.29 4.60
N PRO A 295 9.92 -17.02 4.24
CA PRO A 295 10.30 -16.70 2.87
C PRO A 295 11.74 -17.07 2.53
N HIS A 296 12.00 -17.28 1.24
CA HIS A 296 13.35 -17.59 0.79
C HIS A 296 14.00 -16.28 0.41
N LEU A 297 14.76 -15.69 1.33
CA LEU A 297 15.43 -14.43 1.10
C LEU A 297 16.92 -14.61 0.82
C22 MFP B . 16.12 -1.82 2.26
C1 MFP B . 12.16 0.76 7.87
C5 MFP B . 13.23 -0.12 6.04
C4 MFP B . 12.69 0.99 5.24
C3 MFP B . 11.87 1.95 5.87
C11 MFP B . 11.33 3.69 0.71
C10 MFP B . 10.33 2.92 1.33
C9 MFP B . 10.32 2.74 2.73
C8 MFP B . 11.31 3.34 3.58
C12 MFP B . 12.34 4.30 1.51
C17 MFP B . 9.32 3.93 6.60
C16 MFP B . 10.49 4.21 5.85
C13 MFP B . 12.33 4.12 2.94
C15 MFP B . 11.31 3.88 -0.80
C20 MFP B . 14.52 -1.27 4.04
N2 MFP B . 11.64 1.80 7.22
N6 MFP B . 12.94 -0.20 7.35
N7 MFP B . 11.28 3.16 5.10
BR MFP B . 8.92 1.68 3.46
N18 MFP B . 8.35 3.73 7.21
N19 MFP B . 14.10 -1.15 5.43
C21 MFP B . 15.80 -1.78 3.65
C23 MFP B . 15.14 -1.35 1.32
C24 MFP B . 13.91 -0.87 1.76
C25 MFP B . 13.61 -0.84 3.09
O26 MFP B . 15.39 -1.34 -0.05
C27 MFP B . 14.52 -0.63 -0.98
C28 MFP B . 14.98 -0.73 -2.44
C29 MFP B . 14.40 -1.94 -3.22
N30 MFP B . 13.75 -1.60 -4.51
C31 MFP B . 12.27 -1.56 -4.47
C32 MFP B . 14.26 -2.41 -5.66
O33 MFP B . 14.68 0.50 -3.10
C22 MFQ C . 16.12 -1.82 2.26
C1 MFQ C . 12.16 0.76 7.87
C5 MFQ C . 13.23 -0.12 6.04
C4 MFQ C . 12.69 0.99 5.24
C3 MFQ C . 11.87 1.95 5.87
C11 MFQ C . 11.33 3.69 0.71
C10 MFQ C . 10.33 2.92 1.33
C9 MFQ C . 10.32 2.74 2.73
C8 MFQ C . 11.31 3.34 3.58
C12 MFQ C . 12.34 4.30 1.51
C17 MFQ C . 9.32 3.93 6.60
C16 MFQ C . 10.49 4.21 5.85
C13 MFQ C . 12.33 4.12 2.94
C15 MFQ C . 11.31 3.88 -0.80
C20 MFQ C . 14.52 -1.27 4.04
N2 MFQ C . 11.64 1.80 7.22
N6 MFQ C . 12.94 -0.20 7.35
N7 MFQ C . 11.28 3.16 5.10
BR MFQ C . 8.92 1.68 3.46
N18 MFQ C . 8.35 3.73 7.21
N19 MFQ C . 14.10 -1.15 5.43
C21 MFQ C . 15.80 -1.78 3.65
C23 MFQ C . 15.14 -1.35 1.32
C24 MFQ C . 13.91 -0.87 1.76
C25 MFQ C . 13.61 -0.84 3.09
O26 MFQ C . 15.39 -1.34 -0.05
C27 MFQ C . 14.52 -0.63 -0.98
C28 MFQ C . 15.01 -0.75 -2.41
C29 MFQ C . 14.45 -1.95 -3.20
N30 MFQ C . 14.01 -1.65 -4.60
C31 MFQ C . 12.53 -1.62 -4.80
C32 MFQ C . 14.70 -2.48 -5.62
O33 MFQ C . 16.43 -0.74 -2.43
#